data_3X1Z
#
_entry.id   3X1Z
#
_cell.length_a   37.420
_cell.length_b   59.040
_cell.length_c   68.070
_cell.angle_alpha   90.00
_cell.angle_beta   93.68
_cell.angle_gamma   90.00
#
_symmetry.space_group_name_H-M   'P 1 21 1'
#
loop_
_entity.id
_entity.type
_entity.pdbx_description
1 polymer 'Ras-related protein Rap-1b'
2 non-polymer 'PHOSPHOAMINOPHOSPHONIC ACID-GUANYLATE ESTER'
3 non-polymer 'MAGNESIUM ION'
4 non-polymer GLYCEROL
5 water water
#
_entity_poly.entity_id   1
_entity_poly.type   'polypeptide(L)'
_entity_poly.pdbx_seq_one_letter_code
;MREYKLVVLGSGGVGKSALTVQFVQGIFVEKYDPTIEDSYRKQVEVDAQQCMLEILDTAGTEQFAAMRDLYMKNGQGFAL
VYSITAQSTFNDLQDLREQILRVKDTDDVPMILVGNKCDLEDERVVGKEQGQNLARQWSNCAFLESSAKSKINVNEIFYD
LVRQINR
;
_entity_poly.pdbx_strand_id   A,B
#
loop_
_chem_comp.id
_chem_comp.type
_chem_comp.name
_chem_comp.formula
GNP non-polymer 'PHOSPHOAMINOPHOSPHONIC ACID-GUANYLATE ESTER' 'C10 H17 N6 O13 P3'
GOL non-polymer GLYCEROL 'C3 H8 O3'
MG non-polymer 'MAGNESIUM ION' 'Mg 2'
#
# COMPACT_ATOMS: atom_id res chain seq x y z
N MET A 1 -0.66 22.01 2.46
CA MET A 1 -1.07 20.76 1.83
C MET A 1 -2.16 20.05 2.62
N ARG A 2 -3.28 19.86 1.97
CA ARG A 2 -4.42 19.19 2.58
C ARG A 2 -4.39 17.70 2.34
N GLU A 3 -5.03 16.97 3.25
CA GLU A 3 -5.19 15.53 3.13
C GLU A 3 -6.55 15.18 2.53
N TYR A 4 -6.56 14.18 1.64
CA TYR A 4 -7.78 13.69 1.00
C TYR A 4 -7.87 12.19 1.18
N LYS A 5 -8.92 11.72 1.84
CA LYS A 5 -9.10 10.30 2.09
C LYS A 5 -9.97 9.70 1.00
N LEU A 6 -9.34 8.93 0.12
CA LEU A 6 -10.02 8.37 -1.05
C LEU A 6 -10.14 6.85 -0.88
N VAL A 7 -11.22 6.29 -1.41
CA VAL A 7 -11.47 4.86 -1.31
C VAL A 7 -11.80 4.33 -2.68
N VAL A 8 -11.09 3.28 -3.08
CA VAL A 8 -11.35 2.60 -4.34
C VAL A 8 -12.09 1.31 -4.02
N LEU A 9 -13.31 1.17 -4.53
CA LEU A 9 -14.10 -0.01 -4.20
C LEU A 9 -14.88 -0.50 -5.41
N GLY A 10 -15.40 -1.71 -5.29
CA GLY A 10 -16.00 -2.42 -6.42
C GLY A 10 -15.73 -3.89 -6.29
N SER A 11 -16.38 -4.68 -7.13
CA SER A 11 -16.32 -6.12 -7.03
C SER A 11 -14.96 -6.68 -7.46
N GLY A 12 -14.80 -7.98 -7.24
CA GLY A 12 -13.52 -8.61 -7.51
C GLY A 12 -13.09 -8.55 -8.95
N GLY A 13 -11.81 -8.28 -9.17
CA GLY A 13 -11.22 -8.44 -10.48
C GLY A 13 -11.41 -7.29 -11.44
N VAL A 14 -12.01 -6.20 -10.99
CA VAL A 14 -12.34 -5.11 -11.92
C VAL A 14 -11.14 -4.23 -12.24
N GLY A 15 -10.08 -4.34 -11.45
CA GLY A 15 -8.86 -3.58 -11.64
C GLY A 15 -8.65 -2.42 -10.65
N LYS A 16 -9.24 -2.52 -9.48
CA LYS A 16 -9.02 -1.52 -8.43
C LYS A 16 -7.53 -1.38 -8.13
N SER A 17 -6.87 -2.52 -7.92
CA SER A 17 -5.46 -2.47 -7.57
C SER A 17 -4.63 -2.06 -8.77
N ALA A 18 -4.97 -2.54 -9.96
CA ALA A 18 -4.19 -2.15 -11.14
C ALA A 18 -4.25 -0.64 -11.36
N LEU A 19 -5.44 -0.06 -11.20
CA LEU A 19 -5.58 1.40 -11.32
C LEU A 19 -4.76 2.12 -10.25
N THR A 20 -4.87 1.67 -9.02
CA THR A 20 -4.20 2.33 -7.91
C THR A 20 -2.68 2.25 -8.05
N VAL A 21 -2.18 1.07 -8.41
CA VAL A 21 -0.74 0.90 -8.54
C VAL A 21 -0.20 1.63 -9.78
N GLN A 22 -1.00 1.67 -10.85
CA GLN A 22 -0.59 2.49 -12.00
C GLN A 22 -0.46 3.95 -11.57
N PHE A 23 -1.45 4.44 -10.84
CA PHE A 23 -1.42 5.81 -10.34
C PHE A 23 -0.24 6.08 -9.40
N VAL A 24 -0.01 5.19 -8.44
CA VAL A 24 1.00 5.41 -7.43
C VAL A 24 2.42 5.10 -7.91
N GLN A 25 2.60 3.97 -8.59
CA GLN A 25 3.93 3.50 -9.01
C GLN A 25 4.23 3.68 -10.47
N GLY A 26 3.21 3.87 -11.30
CA GLY A 26 3.45 3.96 -12.72
C GLY A 26 3.79 2.62 -13.35
N ILE A 27 3.33 1.54 -12.74
CA ILE A 27 3.53 0.19 -13.25
C ILE A 27 2.20 -0.53 -13.37
N PHE A 28 2.01 -1.29 -14.45
CA PHE A 28 0.80 -2.10 -14.61
C PHE A 28 0.99 -3.49 -14.03
N VAL A 29 0.12 -3.87 -13.10
CA VAL A 29 0.20 -5.18 -12.47
C VAL A 29 -0.64 -6.17 -13.24
N GLU A 30 0.02 -7.17 -13.81
CA GLU A 30 -0.63 -8.17 -14.66
C GLU A 30 -1.28 -9.30 -13.85
N LYS A 31 -0.71 -9.62 -12.69
CA LYS A 31 -1.27 -10.67 -11.85
C LYS A 31 -2.62 -10.23 -11.30
N TYR A 32 -3.44 -11.21 -10.93
CA TYR A 32 -4.70 -10.99 -10.25
C TYR A 32 -4.58 -11.68 -8.90
N ASP A 33 -4.13 -10.89 -7.94
CA ASP A 33 -3.90 -11.34 -6.58
C ASP A 33 -4.90 -10.60 -5.71
N PRO A 34 -5.94 -11.30 -5.21
CA PRO A 34 -7.04 -10.58 -4.54
C PRO A 34 -6.58 -9.80 -3.32
N THR A 35 -7.02 -8.56 -3.25
CA THR A 35 -6.67 -7.66 -2.18
C THR A 35 -7.40 -8.01 -0.89
N ILE A 36 -6.70 -7.83 0.23
CA ILE A 36 -7.31 -7.84 1.55
C ILE A 36 -7.59 -6.38 1.92
N GLU A 37 -6.54 -5.58 2.06
CA GLU A 37 -6.65 -4.13 2.14
C GLU A 37 -5.27 -3.50 2.06
N ASP A 38 -5.08 -2.60 1.10
CA ASP A 38 -3.82 -1.88 0.98
C ASP A 38 -4.09 -0.40 1.09
N SER A 39 -3.11 0.36 1.57
CA SER A 39 -3.27 1.82 1.58
C SER A 39 -2.00 2.50 1.12
N TYR A 40 -2.19 3.64 0.45
CA TYR A 40 -1.08 4.40 -0.11
C TYR A 40 -1.24 5.84 0.28
N ARG A 41 -0.13 6.48 0.60
CA ARG A 41 -0.12 7.94 0.69
C ARG A 41 0.70 8.47 -0.46
N LYS A 42 0.14 9.39 -1.21
CA LYS A 42 0.86 9.96 -2.33
C LYS A 42 0.61 11.44 -2.41
N GLN A 43 1.70 12.19 -2.51
CA GLN A 43 1.60 13.63 -2.69
C GLN A 43 1.48 13.93 -4.18
N VAL A 44 0.40 14.60 -4.56
CA VAL A 44 0.17 14.95 -5.95
C VAL A 44 -0.19 16.42 -6.01
N GLU A 45 -0.20 16.98 -7.21
CA GLU A 45 -0.66 18.35 -7.37
C GLU A 45 -1.97 18.35 -8.14
N VAL A 46 -2.95 19.07 -7.61
CA VAL A 46 -4.24 19.26 -8.27
C VAL A 46 -4.55 20.75 -8.21
N ASP A 47 -4.86 21.33 -9.37
CA ASP A 47 -5.18 22.76 -9.46
C ASP A 47 -4.15 23.64 -8.73
N ALA A 48 -2.89 23.33 -9.01
CA ALA A 48 -1.70 24.09 -8.56
C ALA A 48 -1.42 23.99 -7.07
N GLN A 49 -2.05 23.04 -6.39
CA GLN A 49 -1.82 22.85 -4.96
C GLN A 49 -1.34 21.43 -4.65
N GLN A 50 -0.41 21.32 -3.70
CA GLN A 50 0.00 20.03 -3.20
C GLN A 50 -1.12 19.41 -2.39
N CYS A 51 -1.38 18.13 -2.67
CA CYS A 51 -2.43 17.37 -2.01
C CYS A 51 -1.84 16.07 -1.51
N MET A 52 -2.14 15.72 -0.27
CA MET A 52 -1.75 14.43 0.27
C MET A 52 -2.92 13.49 0.14
N LEU A 53 -2.79 12.53 -0.77
CA LEU A 53 -3.86 11.57 -0.97
C LEU A 53 -3.59 10.34 -0.13
N GLU A 54 -4.58 9.97 0.67
CA GLU A 54 -4.61 8.67 1.32
C GLU A 54 -5.55 7.79 0.53
N ILE A 55 -5.02 6.80 -0.16
CA ILE A 55 -5.84 5.97 -1.04
C ILE A 55 -5.98 4.57 -0.48
N LEU A 56 -7.21 4.20 -0.17
CA LEU A 56 -7.50 2.85 0.32
C LEU A 56 -7.94 1.97 -0.84
N ASP A 57 -7.17 0.90 -1.08
CA ASP A 57 -7.46 -0.07 -2.11
C ASP A 57 -8.11 -1.26 -1.42
N THR A 58 -9.40 -1.45 -1.66
CA THR A 58 -10.19 -2.37 -0.85
C THR A 58 -10.38 -3.73 -1.50
N ALA A 59 -10.87 -4.68 -0.71
CA ALA A 59 -11.17 -6.02 -1.20
C ALA A 59 -12.43 -6.02 -2.05
N GLY A 60 -12.40 -6.68 -3.20
CA GLY A 60 -13.59 -6.81 -4.00
C GLY A 60 -14.47 -7.92 -3.49
N THR A 61 -13.82 -8.90 -2.87
CA THR A 61 -14.46 -10.09 -2.40
C THR A 61 -14.49 -10.02 -0.88
N GLU A 62 -15.65 -9.68 -0.33
CA GLU A 62 -15.85 -9.57 1.13
C GLU A 62 -16.75 -10.67 1.68
N GLN A 63 -16.43 -11.12 2.90
CA GLN A 63 -17.24 -12.13 3.57
C GLN A 63 -18.60 -11.55 3.97
N PHE A 64 -18.60 -10.30 4.41
CA PHE A 64 -19.85 -9.64 4.77
C PHE A 64 -19.77 -8.14 4.54
N ALA A 65 -20.91 -7.55 4.18
CA ALA A 65 -20.93 -6.17 3.70
C ALA A 65 -20.50 -5.19 4.78
N ALA A 66 -20.79 -5.49 6.04
CA ALA A 66 -20.49 -4.56 7.12
C ALA A 66 -18.99 -4.34 7.32
N MET A 67 -18.17 -5.22 6.74
CA MET A 67 -16.71 -4.99 6.67
C MET A 67 -16.36 -3.64 6.10
N ARG A 68 -17.22 -3.11 5.23
CA ARG A 68 -16.92 -1.88 4.52
C ARG A 68 -17.33 -0.63 5.29
N ASP A 69 -18.10 -0.79 6.37
CA ASP A 69 -18.73 0.36 6.99
C ASP A 69 -17.71 1.39 7.48
N LEU A 70 -16.67 0.92 8.13
CA LEU A 70 -15.69 1.84 8.72
C LEU A 70 -14.98 2.66 7.65
N TYR A 71 -14.53 2.02 6.57
CA TYR A 71 -13.80 2.79 5.60
C TYR A 71 -14.74 3.73 4.81
N MET A 72 -16.02 3.38 4.78
CA MET A 72 -16.99 4.30 4.17
C MET A 72 -17.22 5.51 5.06
N LYS A 73 -17.32 5.28 6.36
CA LYS A 73 -17.47 6.38 7.31
C LYS A 73 -16.27 7.34 7.21
N ASN A 74 -15.07 6.77 7.12
CA ASN A 74 -13.85 7.57 7.13
C ASN A 74 -13.53 8.22 5.79
N GLY A 75 -13.96 7.60 4.70
CA GLY A 75 -13.60 8.07 3.38
C GLY A 75 -14.30 9.36 3.00
N GLN A 76 -13.61 10.20 2.24
CA GLN A 76 -14.17 11.46 1.78
C GLN A 76 -14.64 11.40 0.33
N GLY A 77 -13.99 10.57 -0.48
CA GLY A 77 -14.38 10.43 -1.87
C GLY A 77 -14.19 8.99 -2.31
N PHE A 78 -15.04 8.55 -3.23
CA PHE A 78 -15.14 7.13 -3.59
C PHE A 78 -15.07 6.92 -5.09
N ALA A 79 -14.14 6.07 -5.51
CA ALA A 79 -14.10 5.60 -6.89
C ALA A 79 -14.75 4.24 -6.93
N LEU A 80 -15.93 4.16 -7.55
CA LEU A 80 -16.70 2.93 -7.69
C LEU A 80 -16.37 2.33 -9.04
N VAL A 81 -15.65 1.22 -9.04
CA VAL A 81 -15.09 0.68 -10.25
C VAL A 81 -15.82 -0.60 -10.67
N TYR A 82 -16.14 -0.69 -11.96
CA TYR A 82 -16.59 -1.96 -12.53
C TYR A 82 -15.70 -2.25 -13.71
N SER A 83 -15.80 -3.47 -14.23
CA SER A 83 -15.13 -3.82 -15.46
C SER A 83 -16.12 -3.82 -16.61
N ILE A 84 -15.78 -3.16 -17.71
CA ILE A 84 -16.69 -3.16 -18.85
C ILE A 84 -16.88 -4.55 -19.44
N THR A 85 -16.05 -5.51 -19.04
CA THR A 85 -16.16 -6.88 -19.55
C THR A 85 -16.93 -7.83 -18.62
N ALA A 86 -17.37 -7.34 -17.46
CA ALA A 86 -17.93 -8.22 -16.43
C ALA A 86 -19.26 -7.67 -15.94
N GLN A 87 -20.32 -8.20 -16.50
CA GLN A 87 -21.67 -7.80 -16.19
C GLN A 87 -21.98 -7.71 -14.70
N SER A 88 -21.61 -8.75 -13.97
CA SER A 88 -21.94 -8.85 -12.56
C SER A 88 -21.34 -7.67 -11.78
N THR A 89 -20.20 -7.15 -12.25
CA THR A 89 -19.51 -6.10 -11.50
C THR A 89 -20.21 -4.76 -11.66
N PHE A 90 -20.89 -4.57 -12.78
CA PHE A 90 -21.76 -3.43 -12.97
C PHE A 90 -23.03 -3.61 -12.13
N ASN A 91 -23.60 -4.81 -12.15
CA ASN A 91 -24.79 -5.14 -11.35
C ASN A 91 -24.57 -4.91 -9.86
N ASP A 92 -23.34 -5.12 -9.41
CA ASP A 92 -23.02 -5.05 -7.99
C ASP A 92 -22.92 -3.62 -7.47
N LEU A 93 -22.85 -2.65 -8.37
CA LEU A 93 -22.54 -1.28 -7.94
C LEU A 93 -23.64 -0.63 -7.11
N GLN A 94 -24.90 -0.94 -7.38
CA GLN A 94 -25.98 -0.25 -6.70
C GLN A 94 -25.93 -0.49 -5.18
N ASP A 95 -25.70 -1.74 -4.77
CA ASP A 95 -25.57 -2.07 -3.34
C ASP A 95 -24.48 -1.22 -2.68
N LEU A 96 -23.36 -1.06 -3.37
CA LEU A 96 -22.23 -0.33 -2.83
C LEU A 96 -22.55 1.16 -2.69
N ARG A 97 -23.14 1.74 -3.73
CA ARG A 97 -23.54 3.14 -3.66
C ARG A 97 -24.51 3.39 -2.52
N GLU A 98 -25.51 2.52 -2.40
CA GLU A 98 -26.51 2.66 -1.37
C GLU A 98 -25.89 2.52 0.02
N GLN A 99 -24.93 1.61 0.15
CA GLN A 99 -24.27 1.42 1.44
C GLN A 99 -23.48 2.65 1.85
N ILE A 100 -22.78 3.27 0.90
CA ILE A 100 -22.04 4.50 1.21
C ILE A 100 -22.99 5.57 1.73
N LEU A 101 -24.08 5.79 1.02
CA LEU A 101 -25.02 6.83 1.40
C LEU A 101 -25.69 6.54 2.74
N ARG A 102 -25.97 5.27 3.01
CA ARG A 102 -26.55 4.89 4.30
C ARG A 102 -25.55 5.12 5.44
N VAL A 103 -24.35 4.57 5.29
CA VAL A 103 -23.34 4.66 6.34
C VAL A 103 -22.95 6.11 6.63
N LYS A 104 -22.85 6.93 5.59
CA LYS A 104 -22.45 8.32 5.78
C LYS A 104 -23.67 9.21 6.06
N ASP A 105 -24.85 8.59 6.03
CA ASP A 105 -26.12 9.25 6.34
C ASP A 105 -26.31 10.54 5.56
N THR A 106 -26.06 10.49 4.26
CA THR A 106 -26.23 11.67 3.41
C THR A 106 -26.47 11.32 1.95
N ASP A 107 -27.03 12.26 1.21
CA ASP A 107 -27.42 12.07 -0.18
C ASP A 107 -26.30 12.41 -1.16
N ASP A 108 -25.36 13.21 -0.68
CA ASP A 108 -24.36 13.84 -1.53
C ASP A 108 -22.97 13.49 -1.03
N VAL A 109 -22.26 12.66 -1.78
CA VAL A 109 -20.93 12.20 -1.41
C VAL A 109 -20.05 12.26 -2.65
N PRO A 110 -18.83 12.85 -2.53
CA PRO A 110 -17.92 12.83 -3.69
C PRO A 110 -17.67 11.43 -4.21
N MET A 111 -17.86 11.25 -5.52
CA MET A 111 -17.89 9.92 -6.08
C MET A 111 -17.60 10.00 -7.56
N ILE A 112 -16.97 8.96 -8.09
CA ILE A 112 -16.82 8.82 -9.52
C ILE A 112 -17.04 7.36 -9.87
N LEU A 113 -17.82 7.17 -10.92
CA LEU A 113 -18.12 5.85 -11.48
C LEU A 113 -17.10 5.57 -12.57
N VAL A 114 -16.42 4.43 -12.46
CA VAL A 114 -15.30 4.12 -13.34
C VAL A 114 -15.53 2.78 -14.04
N GLY A 115 -15.67 2.83 -15.37
CA GLY A 115 -15.70 1.62 -16.17
C GLY A 115 -14.30 1.29 -16.66
N ASN A 116 -13.67 0.34 -15.99
CA ASN A 116 -12.28 0.01 -16.27
C ASN A 116 -12.18 -1.11 -17.30
N LYS A 117 -10.95 -1.32 -17.78
CA LYS A 117 -10.60 -2.29 -18.82
C LYS A 117 -11.13 -1.87 -20.18
N CYS A 118 -11.13 -0.56 -20.45
CA CYS A 118 -11.72 -0.08 -21.69
C CYS A 118 -10.83 -0.41 -22.90
N ASP A 119 -9.66 -0.99 -22.65
CA ASP A 119 -8.84 -1.53 -23.73
C ASP A 119 -9.39 -2.84 -24.31
N LEU A 120 -10.25 -3.53 -23.55
CA LEU A 120 -10.78 -4.83 -23.96
C LEU A 120 -12.10 -4.69 -24.70
N GLU A 121 -12.09 -3.92 -25.79
CA GLU A 121 -13.32 -3.68 -26.53
C GLU A 121 -13.97 -4.94 -27.08
N ASP A 122 -13.18 -5.92 -27.52
CA ASP A 122 -13.73 -7.20 -27.99
C ASP A 122 -14.59 -7.87 -26.95
N GLU A 123 -14.26 -7.64 -25.68
CA GLU A 123 -14.90 -8.34 -24.59
C GLU A 123 -15.93 -7.46 -23.87
N ARG A 124 -16.18 -6.27 -24.40
CA ARG A 124 -17.11 -5.35 -23.75
C ARG A 124 -18.52 -5.92 -23.62
N VAL A 125 -19.10 -5.89 -22.44
CA VAL A 125 -20.50 -6.23 -22.26
C VAL A 125 -21.29 -5.08 -21.65
N VAL A 126 -20.61 -4.13 -21.01
CA VAL A 126 -21.27 -2.93 -20.51
C VAL A 126 -21.01 -1.77 -21.46
N GLY A 127 -22.07 -1.24 -22.07
CA GLY A 127 -21.92 -0.14 -22.99
C GLY A 127 -21.46 1.13 -22.30
N LYS A 128 -20.78 2.00 -23.01
CA LYS A 128 -20.37 3.26 -22.42
C LYS A 128 -21.59 4.11 -22.01
N GLU A 129 -22.60 4.18 -22.87
CA GLU A 129 -23.78 4.99 -22.54
C GLU A 129 -24.48 4.44 -21.32
N GLN A 130 -24.47 3.13 -21.18
CA GLN A 130 -25.01 2.46 -20.00
C GLN A 130 -24.35 2.99 -18.70
N GLY A 131 -23.02 3.07 -18.70
CA GLY A 131 -22.29 3.59 -17.58
C GLY A 131 -22.60 5.06 -17.36
N GLN A 132 -22.60 5.84 -18.44
CA GLN A 132 -22.93 7.25 -18.36
C GLN A 132 -24.32 7.47 -17.76
N ASN A 133 -25.26 6.64 -18.17
CA ASN A 133 -26.64 6.80 -17.70
C ASN A 133 -26.81 6.43 -16.24
N LEU A 134 -26.07 5.41 -15.77
CA LEU A 134 -26.11 5.09 -14.35
C LEU A 134 -25.56 6.25 -13.53
N ALA A 135 -24.44 6.82 -13.98
CA ALA A 135 -23.87 7.98 -13.30
C ALA A 135 -24.88 9.12 -13.24
N ARG A 136 -25.60 9.34 -14.34
CA ARG A 136 -26.62 10.38 -14.37
C ARG A 136 -27.72 10.10 -13.37
N GLN A 137 -28.14 8.84 -13.28
CA GLN A 137 -29.16 8.43 -12.31
C GLN A 137 -28.70 8.67 -10.87
N TRP A 138 -27.41 8.56 -10.65
CA TRP A 138 -26.82 8.81 -9.34
C TRP A 138 -26.56 10.29 -9.12
N SER A 139 -27.59 11.10 -9.34
CA SER A 139 -27.51 12.55 -9.12
C SER A 139 -26.34 13.19 -9.89
N ASN A 140 -26.25 12.89 -11.19
CA ASN A 140 -25.22 13.42 -12.08
C ASN A 140 -23.81 13.20 -11.54
N CYS A 141 -23.56 11.97 -11.13
CA CYS A 141 -22.25 11.52 -10.66
C CYS A 141 -21.20 11.64 -11.76
N ALA A 142 -19.95 11.90 -11.38
CA ALA A 142 -18.85 11.86 -12.34
C ALA A 142 -18.69 10.46 -12.93
N PHE A 143 -18.24 10.38 -14.18
CA PHE A 143 -18.07 9.11 -14.87
C PHE A 143 -16.88 9.15 -15.80
N LEU A 144 -16.13 8.06 -15.85
CA LEU A 144 -15.16 7.89 -16.92
C LEU A 144 -14.97 6.41 -17.24
N GLU A 145 -14.48 6.15 -18.45
CA GLU A 145 -13.95 4.85 -18.78
C GLU A 145 -12.42 4.92 -18.78
N SER A 146 -11.83 3.94 -18.11
CA SER A 146 -10.40 3.91 -17.86
C SER A 146 -9.77 2.62 -18.35
N SER A 147 -8.45 2.64 -18.46
CA SER A 147 -7.67 1.43 -18.63
C SER A 147 -6.39 1.55 -17.83
N ALA A 148 -6.22 0.70 -16.83
CA ALA A 148 -4.97 0.64 -16.10
C ALA A 148 -3.84 0.14 -17.00
N LYS A 149 -4.19 -0.70 -17.97
CA LYS A 149 -3.20 -1.30 -18.84
C LYS A 149 -2.70 -0.30 -19.87
N SER A 150 -3.62 0.41 -20.51
CA SER A 150 -3.27 1.34 -21.57
C SER A 150 -3.05 2.75 -21.05
N LYS A 151 -3.15 2.94 -19.74
CA LYS A 151 -2.95 4.24 -19.08
C LYS A 151 -3.90 5.29 -19.64
N ILE A 152 -5.19 4.95 -19.61
CA ILE A 152 -6.24 5.86 -20.03
C ILE A 152 -7.07 6.28 -18.82
N ASN A 153 -7.15 7.58 -18.57
CA ASN A 153 -7.96 8.17 -17.50
C ASN A 153 -7.64 7.67 -16.10
N VAL A 154 -6.40 7.26 -15.85
CA VAL A 154 -6.04 6.79 -14.53
C VAL A 154 -5.90 7.94 -13.53
N ASN A 155 -5.08 8.93 -13.86
CA ASN A 155 -4.88 10.04 -12.94
C ASN A 155 -6.19 10.80 -12.70
N GLU A 156 -6.99 10.87 -13.75
CA GLU A 156 -8.20 11.66 -13.73
C GLU A 156 -9.19 11.17 -12.66
N ILE A 157 -9.19 9.86 -12.39
CA ILE A 157 -10.03 9.31 -11.35
C ILE A 157 -9.81 10.03 -10.02
N PHE A 158 -8.54 10.12 -9.66
CA PHE A 158 -8.14 10.65 -8.36
C PHE A 158 -8.20 12.18 -8.34
N TYR A 159 -7.78 12.81 -9.43
CA TYR A 159 -7.83 14.26 -9.51
C TYR A 159 -9.27 14.73 -9.42
N ASP A 160 -10.21 14.02 -10.07
CA ASP A 160 -11.58 14.48 -10.04
C ASP A 160 -12.19 14.36 -8.64
N LEU A 161 -11.82 13.32 -7.89
CA LEU A 161 -12.30 13.21 -6.51
C LEU A 161 -11.79 14.37 -5.65
N VAL A 162 -10.53 14.75 -5.84
CA VAL A 162 -9.98 15.90 -5.11
C VAL A 162 -10.77 17.16 -5.45
N ARG A 163 -11.05 17.37 -6.74
CA ARG A 163 -11.79 18.55 -7.13
C ARG A 163 -13.19 18.56 -6.55
N GLN A 164 -13.82 17.39 -6.50
CA GLN A 164 -15.14 17.28 -5.89
C GLN A 164 -15.11 17.62 -4.41
N ILE A 165 -14.12 17.08 -3.72
CA ILE A 165 -13.99 17.32 -2.28
C ILE A 165 -13.74 18.82 -2.02
N ASN A 166 -13.04 19.48 -2.93
CA ASN A 166 -12.74 20.91 -2.79
C ASN A 166 -13.96 21.81 -2.96
N ARG A 167 -15.05 21.29 -3.53
CA ARG A 167 -16.25 22.10 -3.72
C ARG A 167 -16.99 22.34 -2.41
N MET B 1 -6.58 -17.55 12.23
CA MET B 1 -5.42 -16.97 11.59
C MET B 1 -4.96 -15.71 12.32
N ARG B 2 -3.72 -15.73 12.80
CA ARG B 2 -3.17 -14.59 13.54
C ARG B 2 -2.68 -13.49 12.60
N GLU B 3 -2.82 -12.25 13.06
CA GLU B 3 -2.29 -11.09 12.36
C GLU B 3 -0.92 -10.68 12.91
N TYR B 4 -0.04 -10.27 12.02
CA TYR B 4 1.31 -9.83 12.38
C TYR B 4 1.55 -8.43 11.81
N LYS B 5 1.71 -7.45 12.68
CA LYS B 5 1.89 -6.08 12.23
C LYS B 5 3.38 -5.80 12.13
N LEU B 6 3.86 -5.76 10.90
CA LEU B 6 5.28 -5.60 10.63
C LEU B 6 5.56 -4.21 10.09
N VAL B 7 6.73 -3.67 10.45
CA VAL B 7 7.13 -2.33 10.06
C VAL B 7 8.50 -2.36 9.44
N VAL B 8 8.65 -1.78 8.26
CA VAL B 8 9.93 -1.65 7.59
C VAL B 8 10.37 -0.20 7.74
N LEU B 9 11.50 0.03 8.39
CA LEU B 9 11.95 1.40 8.64
C LEU B 9 13.46 1.51 8.52
N GLY B 10 13.94 2.73 8.36
CA GLY B 10 15.32 2.99 8.08
C GLY B 10 15.47 4.31 7.36
N SER B 11 16.71 4.68 7.08
CA SER B 11 17.00 5.95 6.43
C SER B 11 16.60 5.97 4.97
N GLY B 12 16.68 7.14 4.35
CA GLY B 12 16.21 7.30 2.99
C GLY B 12 17.02 6.55 1.95
N GLY B 13 16.30 6.00 0.98
CA GLY B 13 16.93 5.43 -0.19
C GLY B 13 17.59 4.08 -0.02
N VAL B 14 17.35 3.44 1.13
CA VAL B 14 18.03 2.16 1.39
C VAL B 14 17.33 0.97 0.76
N GLY B 15 16.12 1.17 0.26
CA GLY B 15 15.39 0.11 -0.42
C GLY B 15 14.25 -0.50 0.38
N LYS B 16 13.73 0.24 1.34
CA LYS B 16 12.57 -0.22 2.11
C LYS B 16 11.39 -0.54 1.18
N SER B 17 11.08 0.39 0.30
CA SER B 17 9.96 0.22 -0.61
C SER B 17 10.27 -0.87 -1.63
N ALA B 18 11.48 -0.89 -2.15
CA ALA B 18 11.81 -1.90 -3.15
C ALA B 18 11.67 -3.29 -2.54
N LEU B 19 12.10 -3.47 -1.29
CA LEU B 19 11.94 -4.77 -0.63
C LEU B 19 10.47 -5.13 -0.42
N THR B 20 9.70 -4.16 0.08
CA THR B 20 8.30 -4.41 0.42
C THR B 20 7.47 -4.68 -0.81
N VAL B 21 7.65 -3.85 -1.83
CA VAL B 21 6.88 -3.98 -3.07
C VAL B 21 7.29 -5.25 -3.80
N GLN B 22 8.57 -5.62 -3.74
CA GLN B 22 8.98 -6.92 -4.31
C GLN B 22 8.24 -8.06 -3.59
N PHE B 23 8.19 -8.01 -2.27
CA PHE B 23 7.53 -9.05 -1.48
C PHE B 23 6.03 -9.16 -1.76
N VAL B 24 5.35 -8.02 -1.85
CA VAL B 24 3.89 -8.04 -1.93
C VAL B 24 3.40 -8.02 -3.39
N GLN B 25 4.06 -7.28 -4.27
CA GLN B 25 3.56 -7.12 -5.64
C GLN B 25 4.39 -7.89 -6.66
N GLY B 26 5.57 -8.34 -6.27
CA GLY B 26 6.43 -9.08 -7.17
C GLY B 26 7.04 -8.29 -8.32
N ILE B 27 7.17 -6.97 -8.12
CA ILE B 27 7.78 -6.09 -9.10
C ILE B 27 8.92 -5.32 -8.44
N PHE B 28 9.95 -4.99 -9.21
CA PHE B 28 11.05 -4.19 -8.68
C PHE B 28 10.84 -2.72 -9.01
N VAL B 29 10.82 -1.90 -7.97
CA VAL B 29 10.72 -0.46 -8.12
C VAL B 29 12.09 0.13 -8.45
N GLU B 30 12.24 0.59 -9.69
CA GLU B 30 13.48 1.18 -10.19
C GLU B 30 13.59 2.65 -9.80
N LYS B 31 12.46 3.34 -9.81
CA LYS B 31 12.43 4.75 -9.45
C LYS B 31 12.68 4.91 -7.96
N TYR B 32 13.30 6.03 -7.61
CA TYR B 32 13.45 6.42 -6.22
C TYR B 32 12.40 7.50 -5.95
N ASP B 33 11.25 7.08 -5.44
CA ASP B 33 10.15 7.99 -5.10
C ASP B 33 9.90 7.93 -3.60
N PRO B 34 10.30 8.98 -2.87
CA PRO B 34 10.24 8.93 -1.40
C PRO B 34 8.85 8.61 -0.85
N THR B 35 8.84 7.71 0.13
CA THR B 35 7.63 7.23 0.77
C THR B 35 7.11 8.18 1.84
N ILE B 36 5.79 8.25 1.95
CA ILE B 36 5.18 8.87 3.11
C ILE B 36 4.82 7.73 4.07
N GLU B 37 3.84 6.91 3.67
CA GLU B 37 3.53 5.67 4.39
C GLU B 37 2.57 4.85 3.57
N ASP B 38 2.93 3.60 3.29
CA ASP B 38 2.05 2.66 2.59
C ASP B 38 1.85 1.43 3.47
N SER B 39 0.69 0.79 3.37
CA SER B 39 0.41 -0.44 4.10
C SER B 39 -0.12 -1.51 3.18
N TYR B 40 0.29 -2.75 3.43
CA TYR B 40 -0.14 -3.88 2.61
C TYR B 40 -0.57 -5.01 3.52
N ARG B 41 -1.63 -5.71 3.15
CA ARG B 41 -1.97 -6.96 3.83
C ARG B 41 -1.79 -8.14 2.89
N LYS B 42 -1.23 -9.22 3.42
CA LYS B 42 -0.89 -10.39 2.64
C LYS B 42 -1.01 -11.64 3.49
N GLN B 43 -1.75 -12.61 3.00
CA GLN B 43 -1.85 -13.89 3.70
C GLN B 43 -0.75 -14.81 3.19
N VAL B 44 -0.01 -15.41 4.11
CA VAL B 44 1.06 -16.32 3.73
C VAL B 44 1.04 -17.54 4.63
N GLU B 45 1.69 -18.60 4.18
CA GLU B 45 1.87 -19.78 5.01
C GLU B 45 3.26 -19.76 5.62
N VAL B 46 3.32 -19.84 6.95
CA VAL B 46 4.59 -19.88 7.67
C VAL B 46 4.52 -21.04 8.64
N ASP B 47 5.50 -21.95 8.54
CA ASP B 47 5.54 -23.16 9.36
C ASP B 47 4.21 -23.90 9.32
N ALA B 48 3.67 -24.01 8.11
CA ALA B 48 2.43 -24.75 7.81
C ALA B 48 1.16 -24.10 8.37
N GLN B 49 1.27 -22.90 8.91
CA GLN B 49 0.10 -22.17 9.41
C GLN B 49 -0.21 -20.96 8.55
N GLN B 50 -1.49 -20.66 8.36
CA GLN B 50 -1.90 -19.44 7.67
C GLN B 50 -1.68 -18.22 8.57
N CYS B 51 -1.07 -17.18 8.00
CA CYS B 51 -0.74 -15.96 8.74
C CYS B 51 -1.19 -14.75 7.95
N MET B 52 -1.74 -13.76 8.64
CA MET B 52 -2.10 -12.50 8.00
C MET B 52 -1.06 -11.44 8.32
N LEU B 53 -0.32 -11.01 7.31
CA LEU B 53 0.69 -9.98 7.52
C LEU B 53 0.13 -8.62 7.18
N GLU B 54 0.38 -7.66 8.05
CA GLU B 54 0.20 -6.26 7.73
C GLU B 54 1.58 -5.65 7.68
N ILE B 55 1.99 -5.17 6.51
CA ILE B 55 3.32 -4.62 6.36
C ILE B 55 3.25 -3.13 6.10
N LEU B 56 3.88 -2.37 6.98
CA LEU B 56 3.96 -0.93 6.83
C LEU B 56 5.31 -0.51 6.25
N ASP B 57 5.27 0.17 5.12
CA ASP B 57 6.44 0.70 4.47
C ASP B 57 6.50 2.19 4.81
N THR B 58 7.57 2.64 5.44
CA THR B 58 7.58 3.93 6.11
C THR B 58 8.54 4.93 5.45
N ALA B 59 8.41 6.19 5.86
CA ALA B 59 9.23 7.27 5.34
C ALA B 59 10.66 7.21 5.88
N GLY B 60 11.63 7.47 5.01
CA GLY B 60 13.01 7.57 5.42
C GLY B 60 13.60 8.89 4.93
N THR B 61 13.53 9.14 3.63
CA THR B 61 14.02 10.39 3.04
C THR B 61 13.26 11.57 3.62
N GLU B 62 11.94 11.45 3.65
CA GLU B 62 11.09 12.47 4.23
C GLU B 62 10.86 12.19 5.72
N GLN B 63 10.60 13.25 6.48
CA GLN B 63 10.33 13.15 7.91
C GLN B 63 8.85 13.28 8.22
N PHE B 64 8.29 12.26 8.87
CA PHE B 64 6.93 12.28 9.39
C PHE B 64 6.97 11.71 10.80
N ALA B 65 7.44 12.54 11.73
CA ALA B 65 7.80 12.05 13.06
C ALA B 65 6.60 11.61 13.89
N ALA B 66 5.43 12.20 13.65
CA ALA B 66 4.24 11.80 14.38
C ALA B 66 3.71 10.47 13.85
N MET B 67 3.76 10.29 12.52
CA MET B 67 3.42 8.99 11.95
C MET B 67 4.34 7.91 12.50
N ARG B 68 5.63 8.25 12.66
CA ARG B 68 6.60 7.30 13.19
C ARG B 68 6.26 6.92 14.64
N ASP B 69 5.89 7.89 15.47
CA ASP B 69 5.46 7.57 16.83
C ASP B 69 4.31 6.56 16.82
N LEU B 70 3.38 6.74 15.90
CA LEU B 70 2.21 5.86 15.83
C LEU B 70 2.56 4.45 15.38
N TYR B 71 3.36 4.33 14.33
CA TYR B 71 3.62 2.99 13.83
C TYR B 71 4.59 2.23 14.74
N MET B 72 5.37 2.96 15.52
CA MET B 72 6.23 2.30 16.50
C MET B 72 5.40 1.79 17.66
N LYS B 73 4.36 2.53 18.04
CA LYS B 73 3.44 2.07 19.07
C LYS B 73 2.68 0.82 18.63
N ASN B 74 2.19 0.81 17.39
CA ASN B 74 1.35 -0.28 16.90
C ASN B 74 2.10 -1.52 16.41
N GLY B 75 3.35 -1.33 15.95
CA GLY B 75 4.09 -2.40 15.30
C GLY B 75 4.45 -3.54 16.24
N GLN B 76 4.38 -4.76 15.73
CA GLN B 76 4.74 -5.95 16.51
C GLN B 76 6.13 -6.48 16.17
N GLY B 77 6.60 -6.19 14.98
CA GLY B 77 7.93 -6.59 14.58
C GLY B 77 8.50 -5.57 13.61
N PHE B 78 9.81 -5.36 13.68
CA PHE B 78 10.46 -4.27 12.97
C PHE B 78 11.63 -4.76 12.15
N ALA B 79 11.63 -4.44 10.86
CA ALA B 79 12.76 -4.66 9.99
C ALA B 79 13.49 -3.35 9.82
N LEU B 80 14.65 -3.27 10.46
CA LEU B 80 15.51 -2.09 10.42
C LEU B 80 16.48 -2.25 9.28
N VAL B 81 16.29 -1.46 8.23
CA VAL B 81 17.00 -1.63 6.98
C VAL B 81 18.05 -0.54 6.79
N TYR B 82 19.26 -0.95 6.42
CA TYR B 82 20.28 -0.03 5.95
C TYR B 82 20.74 -0.50 4.57
N SER B 83 21.53 0.34 3.91
CA SER B 83 22.17 -0.05 2.65
C SER B 83 23.63 -0.37 2.89
N ILE B 84 24.11 -1.47 2.33
CA ILE B 84 25.53 -1.80 2.49
C ILE B 84 26.41 -0.80 1.75
N THR B 85 25.79 0.04 0.92
CA THR B 85 26.51 1.09 0.18
C THR B 85 26.52 2.45 0.90
N ALA B 86 25.96 2.52 2.11
CA ALA B 86 25.95 3.78 2.85
C ALA B 86 26.13 3.57 4.35
N GLN B 87 27.36 3.81 4.81
CA GLN B 87 27.69 3.63 6.21
C GLN B 87 26.79 4.48 7.12
N SER B 88 26.46 5.69 6.68
CA SER B 88 25.61 6.55 7.49
C SER B 88 24.24 5.92 7.76
N THR B 89 23.74 5.13 6.81
CA THR B 89 22.41 4.53 6.99
C THR B 89 22.48 3.40 8.02
N PHE B 90 23.62 2.73 8.09
CA PHE B 90 23.90 1.77 9.15
C PHE B 90 24.00 2.48 10.51
N ASN B 91 24.79 3.54 10.57
CA ASN B 91 24.92 4.32 11.81
C ASN B 91 23.58 4.85 12.32
N ASP B 92 22.72 5.25 11.39
CA ASP B 92 21.42 5.82 11.74
C ASP B 92 20.52 4.85 12.51
N LEU B 93 20.73 3.56 12.36
CA LEU B 93 19.77 2.61 12.90
C LEU B 93 19.83 2.51 14.42
N GLN B 94 20.95 2.86 15.02
CA GLN B 94 21.05 2.80 16.47
C GLN B 94 20.05 3.76 17.12
N ASP B 95 19.97 4.99 16.63
CA ASP B 95 18.99 5.93 17.17
C ASP B 95 17.56 5.51 16.82
N LEU B 96 17.39 4.89 15.65
CA LEU B 96 16.06 4.47 15.25
C LEU B 96 15.53 3.37 16.18
N ARG B 97 16.38 2.42 16.53
CA ARG B 97 16.02 1.40 17.50
C ARG B 97 15.70 2.02 18.86
N GLU B 98 16.47 3.04 19.28
CA GLU B 98 16.19 3.74 20.53
C GLU B 98 14.79 4.32 20.55
N GLN B 99 14.33 4.80 19.40
CA GLN B 99 13.01 5.40 19.30
C GLN B 99 11.93 4.36 19.51
N ILE B 100 12.14 3.16 18.96
CA ILE B 100 11.22 2.06 19.18
C ILE B 100 11.11 1.75 20.67
N LEU B 101 12.26 1.60 21.32
CA LEU B 101 12.30 1.26 22.74
C LEU B 101 11.66 2.36 23.58
N ARG B 102 11.84 3.61 23.16
CA ARG B 102 11.24 4.75 23.83
C ARG B 102 9.72 4.68 23.76
N VAL B 103 9.19 4.48 22.56
CA VAL B 103 7.75 4.48 22.35
C VAL B 103 7.06 3.28 23.01
N LYS B 104 7.65 2.09 22.90
CA LYS B 104 6.97 0.89 23.37
C LYS B 104 7.15 0.69 24.90
N ASP B 105 8.10 1.42 25.49
CA ASP B 105 8.34 1.39 26.94
C ASP B 105 8.64 -0.02 27.45
N THR B 106 9.19 -0.86 26.57
CA THR B 106 9.56 -2.21 26.96
C THR B 106 10.69 -2.74 26.07
N ASP B 107 11.45 -3.68 26.62
CA ASP B 107 12.48 -4.38 25.87
C ASP B 107 11.84 -5.56 25.14
N ASP B 108 12.67 -6.47 24.62
CA ASP B 108 12.18 -7.70 24.01
C ASP B 108 11.17 -7.43 22.90
N VAL B 109 11.55 -6.57 21.96
CA VAL B 109 10.74 -6.26 20.78
C VAL B 109 11.28 -7.00 19.56
N PRO B 110 10.43 -7.78 18.88
CA PRO B 110 10.87 -8.52 17.69
C PRO B 110 11.48 -7.60 16.62
N MET B 111 12.70 -7.92 16.19
CA MET B 111 13.44 -7.08 15.27
C MET B 111 14.31 -7.93 14.36
N ILE B 112 14.57 -7.41 13.17
CA ILE B 112 15.59 -7.99 12.30
C ILE B 112 16.36 -6.83 11.66
N LEU B 113 17.68 -6.96 11.66
CA LEU B 113 18.56 -6.01 11.04
C LEU B 113 18.85 -6.44 9.62
N VAL B 114 18.63 -5.56 8.65
CA VAL B 114 18.69 -5.91 7.24
C VAL B 114 19.65 -5.03 6.48
N GLY B 115 20.74 -5.60 5.97
CA GLY B 115 21.65 -4.87 5.11
C GLY B 115 21.27 -5.08 3.66
N ASN B 116 20.57 -4.10 3.07
CA ASN B 116 20.06 -4.22 1.71
C ASN B 116 21.06 -3.73 0.64
N LYS B 117 20.72 -3.97 -0.62
CA LYS B 117 21.55 -3.70 -1.80
C LYS B 117 22.81 -4.55 -1.83
N CYS B 118 22.72 -5.79 -1.34
CA CYS B 118 23.89 -6.66 -1.29
C CYS B 118 24.35 -7.12 -2.69
N ASP B 119 23.60 -6.77 -3.72
CA ASP B 119 24.05 -7.01 -5.10
C ASP B 119 25.15 -6.03 -5.51
N LEU B 120 25.23 -4.90 -4.80
CA LEU B 120 26.17 -3.85 -5.17
C LEU B 120 27.51 -4.01 -4.43
N GLU B 121 28.14 -5.17 -4.59
CA GLU B 121 29.37 -5.47 -3.87
C GLU B 121 30.49 -4.48 -4.17
N ASP B 122 30.53 -3.96 -5.40
CA ASP B 122 31.56 -3.01 -5.77
C ASP B 122 31.41 -1.67 -5.04
N GLU B 123 30.22 -1.43 -4.48
CA GLU B 123 29.96 -0.20 -3.76
C GLU B 123 29.84 -0.41 -2.26
N ARG B 124 30.17 -1.62 -1.79
CA ARG B 124 30.05 -1.93 -0.37
C ARG B 124 30.94 -1.04 0.50
N VAL B 125 30.34 -0.41 1.51
CA VAL B 125 31.10 0.31 2.53
C VAL B 125 30.75 -0.14 3.94
N VAL B 126 29.76 -1.03 4.07
CA VAL B 126 29.49 -1.66 5.35
C VAL B 126 29.82 -3.14 5.24
N GLY B 127 30.74 -3.59 6.07
CA GLY B 127 31.18 -4.97 6.02
C GLY B 127 30.08 -5.89 6.50
N LYS B 128 30.13 -7.14 6.07
CA LYS B 128 29.17 -8.14 6.54
C LYS B 128 29.27 -8.31 8.05
N GLU B 129 30.49 -8.40 8.57
CA GLU B 129 30.68 -8.63 10.00
C GLU B 129 30.27 -7.41 10.81
N GLN B 130 30.41 -6.24 10.22
CA GLN B 130 29.94 -5.00 10.84
C GLN B 130 28.46 -5.10 11.18
N GLY B 131 27.67 -5.54 10.21
CA GLY B 131 26.25 -5.76 10.41
C GLY B 131 25.96 -6.86 11.41
N GLN B 132 26.65 -7.99 11.24
CA GLN B 132 26.48 -9.10 12.16
C GLN B 132 26.76 -8.69 13.61
N ASN B 133 27.77 -7.83 13.79
CA ASN B 133 28.16 -7.44 15.14
C ASN B 133 27.15 -6.48 15.79
N LEU B 134 26.52 -5.62 15.00
CA LEU B 134 25.47 -4.77 15.56
C LEU B 134 24.30 -5.63 16.02
N ALA B 135 23.90 -6.60 15.21
CA ALA B 135 22.82 -7.51 15.61
C ALA B 135 23.18 -8.26 16.89
N ARG B 136 24.43 -8.72 16.99
CA ARG B 136 24.92 -9.40 18.20
C ARG B 136 24.77 -8.51 19.43
N GLN B 137 25.15 -7.25 19.28
CA GLN B 137 25.10 -6.30 20.38
C GLN B 137 23.66 -6.02 20.80
N TRP B 138 22.75 -6.03 19.83
CA TRP B 138 21.33 -5.84 20.10
C TRP B 138 20.69 -7.12 20.62
N SER B 139 21.25 -7.66 21.70
CA SER B 139 20.74 -8.90 22.31
C SER B 139 20.62 -10.04 21.31
N ASN B 140 21.67 -10.24 20.51
CA ASN B 140 21.69 -11.29 19.46
C ASN B 140 20.45 -11.26 18.57
N CYS B 141 20.18 -10.08 18.04
CA CYS B 141 19.09 -9.80 17.11
C CYS B 141 19.22 -10.59 15.81
N ALA B 142 18.11 -10.85 15.12
CA ALA B 142 18.20 -11.49 13.81
C ALA B 142 18.89 -10.56 12.80
N PHE B 143 19.64 -11.15 11.87
CA PHE B 143 20.38 -10.38 10.88
C PHE B 143 20.40 -11.06 9.54
N LEU B 144 20.22 -10.29 8.47
CA LEU B 144 20.56 -10.80 7.14
C LEU B 144 20.93 -9.67 6.19
N GLU B 145 21.57 -10.03 5.08
CA GLU B 145 21.75 -9.12 3.96
C GLU B 145 20.78 -9.49 2.84
N SER B 146 20.22 -8.48 2.20
CA SER B 146 19.18 -8.66 1.19
C SER B 146 19.46 -7.89 -0.09
N SER B 147 18.77 -8.26 -1.15
CA SER B 147 18.73 -7.46 -2.37
C SER B 147 17.34 -7.48 -2.95
N ALA B 148 16.70 -6.32 -3.02
CA ALA B 148 15.40 -6.23 -3.67
C ALA B 148 15.54 -6.45 -5.17
N LYS B 149 16.69 -6.06 -5.72
CA LYS B 149 16.92 -6.13 -7.16
C LYS B 149 17.21 -7.55 -7.61
N SER B 150 18.11 -8.23 -6.90
CA SER B 150 18.51 -9.59 -7.27
C SER B 150 17.66 -10.64 -6.57
N LYS B 151 16.69 -10.18 -5.79
CA LYS B 151 15.75 -11.06 -5.09
C LYS B 151 16.49 -12.01 -4.15
N ILE B 152 17.22 -11.42 -3.22
CA ILE B 152 17.95 -12.15 -2.20
C ILE B 152 17.35 -11.85 -0.83
N ASN B 153 16.88 -12.88 -0.13
CA ASN B 153 16.36 -12.79 1.24
C ASN B 153 15.14 -11.89 1.44
N VAL B 154 14.35 -11.71 0.39
CA VAL B 154 13.18 -10.84 0.52
C VAL B 154 12.09 -11.44 1.41
N ASN B 155 11.63 -12.65 1.08
CA ASN B 155 10.65 -13.32 1.94
C ASN B 155 11.17 -13.50 3.35
N GLU B 156 12.46 -13.80 3.44
CA GLU B 156 13.09 -14.23 4.68
C GLU B 156 13.01 -13.15 5.78
N ILE B 157 13.06 -11.88 5.37
CA ILE B 157 12.91 -10.77 6.32
C ILE B 157 11.60 -10.90 7.08
N PHE B 158 10.52 -11.06 6.32
CA PHE B 158 9.19 -11.03 6.90
C PHE B 158 8.87 -12.32 7.62
N TYR B 159 9.29 -13.45 7.05
CA TYR B 159 9.01 -14.74 7.67
C TYR B 159 9.77 -14.88 8.99
N ASP B 160 10.97 -14.30 9.08
CA ASP B 160 11.69 -14.38 10.34
C ASP B 160 10.98 -13.59 11.45
N LEU B 161 10.43 -12.43 11.12
CA LEU B 161 9.68 -11.67 12.10
C LEU B 161 8.45 -12.43 12.59
N VAL B 162 7.76 -13.09 11.67
CA VAL B 162 6.61 -13.90 12.05
C VAL B 162 7.02 -14.97 13.06
N ARG B 163 8.12 -15.64 12.78
CA ARG B 163 8.58 -16.71 13.65
C ARG B 163 8.96 -16.14 15.02
N GLN B 164 9.54 -14.95 15.05
CA GLN B 164 9.89 -14.32 16.32
C GLN B 164 8.67 -14.00 17.16
N ILE B 165 7.65 -13.46 16.51
CA ILE B 165 6.42 -13.09 17.17
C ILE B 165 5.72 -14.34 17.70
N ASN B 166 5.82 -15.45 16.97
CA ASN B 166 5.25 -16.73 17.39
C ASN B 166 5.89 -17.34 18.64
N ARG B 167 7.15 -17.06 18.87
CA ARG B 167 7.85 -17.61 20.03
C ARG B 167 7.28 -17.04 21.32
PG GNP C . -9.66 -7.62 -5.95
O1G GNP C . -8.57 -6.97 -5.14
O2G GNP C . -9.70 -9.13 -5.71
O3G GNP C . -11.02 -7.01 -5.68
N3B GNP C . -9.34 -7.42 -7.57
PB GNP C . -9.03 -5.90 -8.24
O1B GNP C . -8.00 -5.17 -7.40
O2B GNP C . -10.28 -5.14 -8.51
O3A GNP C . -8.40 -6.25 -9.64
PA GNP C . -6.86 -6.34 -10.05
O1A GNP C . -6.23 -4.99 -10.07
O2A GNP C . -6.23 -7.39 -9.20
O5' GNP C . -6.98 -6.81 -11.57
C5' GNP C . -7.54 -8.09 -11.90
C4' GNP C . -6.95 -8.54 -13.23
O4' GNP C . -7.47 -7.61 -14.29
C3' GNP C . -5.49 -8.45 -13.29
O3' GNP C . -4.99 -9.61 -14.10
C2' GNP C . -5.17 -7.19 -13.97
O2' GNP C . -3.90 -7.21 -14.69
C1' GNP C . -6.28 -6.99 -14.92
N9 GNP C . -6.59 -5.63 -15.22
C8 GNP C . -6.79 -4.70 -14.42
N7 GNP C . -7.03 -3.66 -14.95
C5 GNP C . -7.02 -3.76 -16.29
C6 GNP C . -7.22 -2.98 -17.47
O6 GNP C . -7.48 -1.79 -17.50
N1 GNP C . -7.09 -3.66 -18.70
C2 GNP C . -6.78 -5.01 -18.76
N2 GNP C . -6.67 -5.54 -20.04
N3 GNP C . -6.60 -5.76 -17.72
C4 GNP C . -6.69 -5.28 -16.57
MG MG D . -7.19 -5.59 -5.60
C1 GOL E . 0.10 -12.71 -15.53
O1 GOL E . -1.17 -12.65 -16.14
C2 GOL E . 1.13 -12.57 -16.64
O2 GOL E . 2.23 -11.84 -16.16
C3 GOL E . 1.51 -13.99 -17.08
O3 GOL E . 2.46 -13.99 -18.12
PG GNP F . 12.37 6.34 1.19
O1G GNP F . 12.40 7.73 0.63
O2G GNP F . 12.95 6.33 2.58
O3G GNP F . 10.96 5.80 1.13
N3B GNP F . 13.36 5.41 0.28
PB GNP F . 13.38 3.73 0.32
O1B GNP F . 14.17 3.19 1.51
O2B GNP F . 11.97 3.16 0.24
O3A GNP F . 14.18 3.29 -0.98
PA GNP F . 13.55 2.83 -2.39
O1A GNP F . 12.70 3.96 -2.93
O2A GNP F . 12.90 1.49 -2.23
O5' GNP F . 14.86 2.62 -3.28
C5' GNP F . 15.71 3.74 -3.61
C4' GNP F . 16.50 3.37 -4.84
O4' GNP F . 17.42 2.23 -4.49
C3' GNP F . 15.66 2.92 -5.94
O3' GNP F . 16.23 3.53 -7.19
C2' GNP F . 15.74 1.47 -5.97
O2' GNP F . 15.59 0.92 -7.33
C1' GNP F . 17.07 1.12 -5.43
N9 GNP F . 17.17 -0.10 -4.72
C8 GNP F . 16.47 -0.47 -3.82
N7 GNP F . 16.77 -1.51 -3.41
C5 GNP F . 17.82 -2.07 -4.06
C6 GNP F . 18.68 -3.20 -4.11
O6 GNP F . 18.54 -4.16 -3.37
N1 GNP F . 19.74 -3.23 -5.07
C2 GNP F . 19.92 -2.18 -5.95
N2 GNP F . 20.97 -2.23 -6.91
N3 GNP F . 19.16 -1.14 -5.91
C4 GNP F . 18.21 -0.97 -5.12
MG MG G . 10.19 4.11 0.35
#